data_8FNA
#
_entry.id   8FNA
#
_cell.length_a   47.423
_cell.length_b   47.423
_cell.length_c   203.403
_cell.angle_alpha   90.000
_cell.angle_beta   90.000
_cell.angle_gamma   120.000
#
_symmetry.space_group_name_H-M   'P 31 2 1'
#
loop_
_entity.id
_entity.type
_entity.pdbx_description
1 polymer Tenascin-R
2 non-polymer 'CALCIUM ION'
3 non-polymer GLYCEROL
4 water water
#
_entity_poly.entity_id   1
_entity_poly.type   'polypeptide(L)'
_entity_poly.pdbx_seq_one_letter_code
;GPGSGRVFPHPQDCAQHLMNGDTLSGVYPIFLNGELSQKLQVYCDMTTDGGGWIVFQRRQNGQTDFFRKWADYRVGFGNV
EDEFWLGLDNIHRITSQGRYELRVDMRDGQEAAFASYDRFSVEDSRNLYKLRIGSYNGTAGDSLSYHQGRPFSTEDRDND
VAVTNCAMSYKGAWWYKNCHRTNLNGKYGESRHSQGINWYHWKGHEFSIPFVEMKMRPYNHRLMAGRKRQSLQF
;
_entity_poly.pdbx_strand_id   A
#
# COMPACT_ATOMS: atom_id res chain seq x y z
N VAL A 7 -22.33 13.35 11.18
CA VAL A 7 -22.75 11.96 11.35
C VAL A 7 -21.74 11.21 12.22
N PHE A 8 -20.46 11.33 11.87
CA PHE A 8 -19.36 10.76 12.63
C PHE A 8 -18.56 11.87 13.27
N PRO A 9 -18.69 12.10 14.56
CA PRO A 9 -17.93 13.19 15.20
C PRO A 9 -16.43 13.01 15.11
N HIS A 10 -15.94 11.78 15.10
CA HIS A 10 -14.50 11.50 15.06
C HIS A 10 -14.25 10.42 14.02
N PRO A 11 -14.21 10.80 12.75
CA PRO A 11 -14.11 9.81 11.67
C PRO A 11 -12.86 8.94 11.79
N GLN A 12 -13.06 7.62 11.66
CA GLN A 12 -11.99 6.64 11.77
C GLN A 12 -11.44 6.26 10.41
N ASP A 13 -12.00 6.81 9.33
CA ASP A 13 -11.44 6.59 8.00
C ASP A 13 -11.98 7.66 7.06
N CYS A 14 -11.51 7.59 5.81
CA CYS A 14 -11.88 8.59 4.83
C CYS A 14 -13.31 8.43 4.36
N ALA A 15 -13.87 7.22 4.45
CA ALA A 15 -15.26 7.05 4.07
C ALA A 15 -16.19 7.77 5.06
N GLN A 16 -15.83 7.79 6.35
CA GLN A 16 -16.67 8.49 7.32
C GLN A 16 -16.52 10.00 7.12
N HIS A 17 -15.33 10.48 6.76
CA HIS A 17 -15.23 11.89 6.37
C HIS A 17 -16.14 12.18 5.20
N LEU A 18 -16.08 11.35 4.16
CA LEU A 18 -16.96 11.51 3.02
C LEU A 18 -18.41 11.52 3.44
N MET A 19 -18.79 10.64 4.37
CA MET A 19 -20.17 10.61 4.82
C MET A 19 -20.57 11.88 5.55
N ASN A 20 -19.62 12.57 6.19
CA ASN A 20 -19.92 13.84 6.86
C ASN A 20 -20.11 15.00 5.88
N GLY A 21 -19.79 14.81 4.61
CA GLY A 21 -19.93 15.86 3.62
C GLY A 21 -18.63 16.39 3.06
N ASP A 22 -17.49 15.87 3.51
CA ASP A 22 -16.20 16.33 3.01
C ASP A 22 -15.90 15.63 1.68
N THR A 23 -15.80 16.39 0.60
CA THR A 23 -15.65 15.80 -0.72
C THR A 23 -14.29 16.04 -1.37
N LEU A 24 -13.45 16.91 -0.81
CA LEU A 24 -12.18 17.27 -1.44
C LEU A 24 -11.08 16.30 -1.02
N SER A 25 -10.34 15.78 -1.97
CA SER A 25 -9.16 14.98 -1.64
C SER A 25 -8.14 15.87 -0.93
N GLY A 26 -7.36 15.27 -0.05
CA GLY A 26 -6.32 15.97 0.65
C GLY A 26 -6.06 15.33 2.01
N VAL A 27 -5.40 16.09 2.86
CA VAL A 27 -4.98 15.59 4.15
C VAL A 27 -6.13 15.75 5.14
N TYR A 28 -6.44 14.69 5.88
CA TYR A 28 -7.43 14.70 6.93
C TYR A 28 -6.86 14.02 8.17
N PRO A 29 -7.29 14.44 9.37
CA PRO A 29 -7.07 13.59 10.55
C PRO A 29 -8.11 12.50 10.59
N ILE A 30 -7.70 11.26 10.83
CA ILE A 30 -8.65 10.22 11.24
C ILE A 30 -8.35 9.83 12.68
N PHE A 31 -9.37 9.29 13.33
CA PHE A 31 -9.31 8.94 14.76
C PHE A 31 -9.57 7.45 14.84
N LEU A 32 -8.54 6.69 15.18
CA LEU A 32 -8.63 5.24 15.15
C LEU A 32 -9.64 4.79 16.17
N ASN A 33 -10.53 3.90 15.76
CA ASN A 33 -11.65 3.42 16.59
C ASN A 33 -12.55 4.55 17.06
N GLY A 34 -12.54 5.68 16.36
CA GLY A 34 -13.33 6.81 16.73
C GLY A 34 -12.84 7.54 17.95
N GLU A 35 -11.62 7.26 18.41
CA GLU A 35 -11.11 7.81 19.67
C GLU A 35 -10.39 9.12 19.42
N LEU A 36 -10.80 10.18 20.11
CA LEU A 36 -10.14 11.47 19.93
C LEU A 36 -8.64 11.37 20.18
N SER A 37 -8.22 10.53 21.13
CA SER A 37 -6.81 10.42 21.46
C SER A 37 -5.99 9.66 20.43
N GLN A 38 -6.61 9.09 19.40
CA GLN A 38 -5.90 8.22 18.47
C GLN A 38 -5.83 8.87 17.10
N LYS A 39 -5.42 10.13 17.06
CA LYS A 39 -5.41 10.87 15.82
C LYS A 39 -4.24 10.42 14.95
N LEU A 40 -4.51 10.29 13.66
CA LEU A 40 -3.49 10.00 12.67
C LEU A 40 -3.77 10.84 11.44
N GLN A 41 -2.76 11.55 10.93
CA GLN A 41 -2.91 12.29 9.69
CA GLN A 41 -2.90 12.30 9.69
C GLN A 41 -2.75 11.36 8.50
N VAL A 42 -3.73 11.41 7.59
CA VAL A 42 -3.70 10.60 6.38
C VAL A 42 -4.07 11.44 5.16
N TYR A 43 -3.87 10.84 3.99
CA TYR A 43 -4.31 11.43 2.72
C TYR A 43 -5.57 10.66 2.31
N CYS A 44 -6.65 11.41 2.08
CA CYS A 44 -7.92 10.84 1.62
C CYS A 44 -8.05 11.05 0.12
N ASP A 45 -8.26 9.97 -0.64
CA ASP A 45 -8.71 10.04 -2.03
C ASP A 45 -10.23 10.02 -2.02
N MET A 46 -10.84 11.17 -2.34
CA MET A 46 -12.29 11.35 -2.29
C MET A 46 -12.94 11.30 -3.68
N THR A 47 -12.20 10.89 -4.71
CA THR A 47 -12.74 10.87 -6.05
C THR A 47 -12.73 9.50 -6.72
N THR A 48 -11.75 8.65 -6.43
CA THR A 48 -11.63 7.38 -7.15
C THR A 48 -12.78 6.44 -6.78
N ASP A 49 -13.53 5.99 -7.79
CA ASP A 49 -14.61 5.02 -7.62
C ASP A 49 -15.53 5.40 -6.46
N GLY A 50 -15.92 6.69 -6.42
CA GLY A 50 -16.79 7.20 -5.40
C GLY A 50 -16.10 7.84 -4.21
N GLY A 51 -14.80 7.62 -4.01
CA GLY A 51 -14.06 8.25 -2.93
C GLY A 51 -14.09 7.47 -1.64
N GLY A 52 -13.49 8.06 -0.61
CA GLY A 52 -13.50 7.46 0.71
C GLY A 52 -12.30 6.57 1.00
N TRP A 53 -11.21 6.73 0.28
CA TRP A 53 -10.04 5.88 0.45
C TRP A 53 -8.97 6.52 1.32
N ILE A 54 -8.39 5.73 2.23
CA ILE A 54 -7.13 6.11 2.90
C ILE A 54 -5.99 5.67 2.00
N VAL A 55 -5.21 6.62 1.48
CA VAL A 55 -4.01 6.29 0.75
C VAL A 55 -2.90 6.01 1.74
N PHE A 56 -2.24 4.84 1.62
CA PHE A 56 -1.19 4.48 2.59
C PHE A 56 0.16 4.26 1.96
N GLN A 57 0.25 4.40 0.64
CA GLN A 57 1.51 4.35 -0.07
C GLN A 57 1.33 5.14 -1.35
N ARG A 58 2.38 5.86 -1.75
CA ARG A 58 2.38 6.55 -3.03
C ARG A 58 3.79 6.62 -3.57
N ARG A 59 3.94 6.33 -4.87
CA ARG A 59 5.16 6.64 -5.62
C ARG A 59 4.78 7.53 -6.80
N GLN A 60 5.57 8.59 -7.05
CA GLN A 60 5.28 9.45 -8.18
C GLN A 60 6.45 10.22 -8.78
N ASN A 61 7.65 10.20 -8.15
CA ASN A 61 8.75 10.98 -8.70
C ASN A 61 10.15 10.51 -8.29
N GLY A 62 10.26 9.55 -7.38
CA GLY A 62 11.53 8.98 -7.05
C GLY A 62 12.38 9.84 -6.14
N GLN A 63 11.83 10.92 -5.62
CA GLN A 63 12.63 11.79 -4.78
CA GLN A 63 12.63 11.79 -4.78
C GLN A 63 12.75 11.30 -3.33
N THR A 64 11.93 10.34 -2.92
CA THR A 64 11.98 9.75 -1.58
C THR A 64 12.59 8.36 -1.65
N ASP A 65 13.57 8.12 -0.79
CA ASP A 65 14.19 6.80 -0.67
C ASP A 65 13.23 5.81 -0.02
N PHE A 66 13.02 4.66 -0.68
CA PHE A 66 12.21 3.60 -0.12
C PHE A 66 13.02 2.41 0.32
N PHE A 67 14.35 2.44 0.16
CA PHE A 67 15.18 1.28 0.52
C PHE A 67 15.59 1.44 1.99
N ARG A 68 14.57 1.27 2.83
CA ARG A 68 14.72 1.50 4.27
C ARG A 68 14.61 0.18 5.04
N LYS A 69 14.69 0.30 6.34
CA LYS A 69 14.80 -0.85 7.23
C LYS A 69 13.47 -1.10 7.94
N TRP A 70 13.45 -2.20 8.67
CA TRP A 70 12.23 -2.64 9.35
C TRP A 70 11.63 -1.54 10.21
N ALA A 71 12.44 -0.89 11.01
CA ALA A 71 11.93 0.14 11.91
C ALA A 71 11.22 1.24 11.14
N ASP A 72 11.77 1.60 9.98
CA ASP A 72 11.19 2.66 9.15
C ASP A 72 9.88 2.23 8.55
N TYR A 73 9.79 0.97 8.09
CA TYR A 73 8.53 0.46 7.56
C TYR A 73 7.51 0.23 8.69
N ARG A 74 7.97 -0.02 9.90
CA ARG A 74 7.05 -0.12 11.05
C ARG A 74 6.35 1.20 11.34
N VAL A 75 7.13 2.31 11.41
CA VAL A 75 6.59 3.58 11.89
C VAL A 75 6.06 4.49 10.77
N GLY A 76 6.49 4.27 9.53
CA GLY A 76 6.10 5.10 8.41
C GLY A 76 7.14 6.18 8.11
N PHE A 77 7.12 6.62 6.85
CA PHE A 77 8.03 7.68 6.44
C PHE A 77 7.42 8.40 5.24
N GLY A 78 7.95 9.60 4.98
CA GLY A 78 7.52 10.38 3.85
C GLY A 78 6.38 11.31 4.20
N ASN A 79 6.04 12.15 3.24
CA ASN A 79 5.00 13.17 3.34
C ASN A 79 3.74 12.61 2.68
N VAL A 80 2.60 12.63 3.40
CA VAL A 80 1.41 11.97 2.86
C VAL A 80 0.88 12.69 1.63
N GLU A 81 1.32 13.92 1.37
CA GLU A 81 0.97 14.63 0.14
C GLU A 81 1.92 14.33 -1.02
N ASP A 82 2.99 13.58 -0.79
CA ASP A 82 4.01 13.33 -1.81
C ASP A 82 4.27 11.82 -1.83
N GLU A 83 5.49 11.36 -1.73
CA GLU A 83 5.75 9.92 -1.71
C GLU A 83 5.90 9.49 -0.25
N PHE A 84 5.24 8.39 0.10
CA PHE A 84 5.25 7.97 1.48
C PHE A 84 4.81 6.51 1.67
N TRP A 85 5.03 6.04 2.90
CA TRP A 85 4.56 4.77 3.43
C TRP A 85 3.94 5.05 4.78
N LEU A 86 2.65 4.71 4.94
CA LEU A 86 1.95 5.14 6.14
C LEU A 86 2.50 4.47 7.40
N GLY A 87 3.07 3.28 7.27
CA GLY A 87 3.63 2.56 8.41
C GLY A 87 2.83 1.31 8.72
N LEU A 88 3.55 0.23 9.04
CA LEU A 88 2.88 -1.07 9.15
C LEU A 88 2.07 -1.15 10.43
N ASP A 89 2.52 -0.52 11.52
CA ASP A 89 1.67 -0.48 12.72
C ASP A 89 0.37 0.26 12.43
N ASN A 90 0.45 1.40 11.73
CA ASN A 90 -0.77 2.15 11.41
C ASN A 90 -1.71 1.34 10.52
N ILE A 91 -1.15 0.69 9.51
CA ILE A 91 -1.98 -0.09 8.59
C ILE A 91 -2.63 -1.25 9.34
N HIS A 92 -1.90 -1.89 10.23
CA HIS A 92 -2.49 -2.96 11.03
C HIS A 92 -3.64 -2.42 11.87
N ARG A 93 -3.45 -1.28 12.52
CA ARG A 93 -4.52 -0.74 13.35
C ARG A 93 -5.75 -0.37 12.53
N ILE A 94 -5.55 0.28 11.39
CA ILE A 94 -6.69 0.67 10.56
C ILE A 94 -7.43 -0.58 10.08
N THR A 95 -6.70 -1.58 9.56
CA THR A 95 -7.34 -2.75 8.98
C THR A 95 -7.95 -3.65 10.05
N SER A 96 -7.64 -3.44 11.33
CA SER A 96 -8.27 -4.20 12.39
CA SER A 96 -8.25 -4.18 12.41
C SER A 96 -9.56 -3.58 12.89
N GLN A 97 -9.91 -2.37 12.45
CA GLN A 97 -11.13 -1.77 12.97
C GLN A 97 -12.37 -2.13 12.14
N GLY A 98 -12.21 -2.90 11.08
CA GLY A 98 -13.32 -3.40 10.29
C GLY A 98 -12.76 -4.09 9.05
N ARG A 99 -13.66 -4.57 8.20
CA ARG A 99 -13.23 -5.15 6.93
C ARG A 99 -12.99 -4.09 5.86
N TYR A 100 -11.78 -4.07 5.33
CA TYR A 100 -11.35 -3.10 4.34
C TYR A 100 -11.11 -3.81 3.02
N GLU A 101 -11.38 -3.08 1.95
CA GLU A 101 -10.93 -3.43 0.62
C GLU A 101 -9.69 -2.62 0.25
N LEU A 102 -8.81 -3.24 -0.54
CA LEU A 102 -7.61 -2.62 -1.07
C LEU A 102 -7.81 -2.25 -2.52
N ARG A 103 -7.40 -1.05 -2.90
CA ARG A 103 -7.25 -0.71 -4.31
C ARG A 103 -5.83 -0.25 -4.56
N VAL A 104 -5.28 -0.70 -5.69
CA VAL A 104 -4.00 -0.24 -6.19
C VAL A 104 -4.26 0.45 -7.54
N ASP A 105 -3.99 1.76 -7.59
CA ASP A 105 -4.09 2.56 -8.82
C ASP A 105 -2.68 2.77 -9.38
N MET A 106 -2.51 2.54 -10.69
CA MET A 106 -1.21 2.65 -11.33
CA MET A 106 -1.21 2.68 -11.33
C MET A 106 -1.39 3.41 -12.65
N ARG A 107 -0.37 4.19 -13.02
CA ARG A 107 -0.41 4.96 -14.25
C ARG A 107 0.96 4.93 -14.95
N ASP A 108 0.92 5.07 -16.28
CA ASP A 108 2.08 5.14 -17.16
C ASP A 108 1.67 6.13 -18.24
N GLY A 109 2.05 7.39 -18.05
CA GLY A 109 1.70 8.42 -18.99
C GLY A 109 0.20 8.66 -18.96
N GLN A 110 -0.47 8.45 -20.09
CA GLN A 110 -1.92 8.55 -20.15
C GLN A 110 -2.60 7.21 -19.97
N GLU A 111 -1.86 6.12 -19.79
CA GLU A 111 -2.41 4.81 -19.50
C GLU A 111 -2.64 4.65 -18.02
N ALA A 112 -3.69 3.89 -17.67
CA ALA A 112 -3.98 3.67 -16.26
C ALA A 112 -4.62 2.30 -16.07
N ALA A 113 -4.42 1.74 -14.88
CA ALA A 113 -5.04 0.47 -14.52
C ALA A 113 -5.22 0.41 -13.02
N PHE A 114 -6.02 -0.56 -12.58
CA PHE A 114 -6.21 -0.77 -11.15
C PHE A 114 -6.45 -2.25 -10.83
N ALA A 115 -6.17 -2.56 -9.56
CA ALA A 115 -6.46 -3.86 -8.96
C ALA A 115 -7.17 -3.59 -7.64
N SER A 116 -8.24 -4.32 -7.40
CA SER A 116 -9.00 -4.20 -6.16
CA SER A 116 -9.02 -4.19 -6.17
C SER A 116 -9.19 -5.58 -5.53
N TYR A 117 -9.11 -5.62 -4.19
CA TYR A 117 -9.29 -6.85 -3.44
C TYR A 117 -10.31 -6.61 -2.33
N ASP A 118 -11.27 -7.54 -2.18
CA ASP A 118 -12.44 -7.30 -1.33
C ASP A 118 -12.20 -7.64 0.13
N ARG A 119 -10.93 -7.85 0.50
CA ARG A 119 -10.49 -7.96 1.89
C ARG A 119 -9.06 -7.47 1.91
N PHE A 120 -8.65 -6.78 2.97
CA PHE A 120 -7.26 -6.37 3.08
C PHE A 120 -6.91 -6.17 4.55
N SER A 121 -5.91 -6.88 5.02
CA SER A 121 -5.43 -6.65 6.37
C SER A 121 -3.96 -7.07 6.46
N VAL A 122 -3.28 -6.46 7.42
CA VAL A 122 -1.94 -6.93 7.84
C VAL A 122 -2.04 -7.29 9.33
N GLU A 123 -1.36 -8.36 9.71
CA GLU A 123 -1.34 -8.78 11.13
C GLU A 123 -0.39 -7.88 11.92
N ASP A 124 -0.21 -8.18 13.20
CA ASP A 124 0.58 -7.30 14.09
C ASP A 124 2.08 -7.57 13.94
N SER A 125 2.87 -6.76 14.65
CA SER A 125 4.34 -6.86 14.72
C SER A 125 4.75 -8.31 15.00
N ARG A 126 4.14 -8.92 16.02
CA ARG A 126 4.57 -10.25 16.41
C ARG A 126 4.35 -11.26 15.30
N ASN A 127 3.31 -11.07 14.51
CA ASN A 127 3.02 -11.93 13.38
C ASN A 127 3.60 -11.42 12.07
N LEU A 128 4.58 -10.51 12.14
CA LEU A 128 5.38 -10.09 10.99
C LEU A 128 4.54 -9.42 9.92
N TYR A 129 3.44 -8.79 10.33
CA TYR A 129 2.58 -8.01 9.43
C TYR A 129 2.14 -8.83 8.23
N LYS A 130 1.81 -10.11 8.45
CA LYS A 130 1.40 -10.99 7.35
C LYS A 130 0.22 -10.39 6.59
N LEU A 131 0.26 -10.55 5.26
CA LEU A 131 -0.73 -9.99 4.36
C LEU A 131 -1.89 -10.93 4.17
N ARG A 132 -3.09 -10.37 4.18
CA ARG A 132 -4.34 -11.10 3.92
C ARG A 132 -5.11 -10.28 2.90
N ILE A 133 -5.43 -10.86 1.75
CA ILE A 133 -6.19 -10.16 0.72
C ILE A 133 -7.35 -11.04 0.24
N GLY A 134 -8.40 -10.39 -0.21
CA GLY A 134 -9.59 -11.09 -0.66
C GLY A 134 -9.57 -11.33 -2.16
N SER A 135 -10.77 -11.42 -2.73
CA SER A 135 -10.94 -11.70 -4.15
C SER A 135 -10.67 -10.48 -5.01
N TYR A 136 -10.15 -10.73 -6.20
CA TYR A 136 -9.67 -9.68 -7.08
C TYR A 136 -10.68 -9.28 -8.15
N ASN A 137 -10.69 -7.99 -8.47
CA ASN A 137 -11.28 -7.51 -9.71
C ASN A 137 -10.47 -6.32 -10.18
N GLY A 138 -10.45 -6.14 -11.51
CA GLY A 138 -9.85 -4.91 -12.03
C GLY A 138 -9.28 -5.09 -13.42
N THR A 139 -8.44 -4.11 -13.79
CA THR A 139 -7.86 -4.06 -15.13
C THR A 139 -6.36 -4.29 -15.16
N ALA A 140 -5.67 -4.24 -14.02
CA ALA A 140 -4.24 -4.38 -13.97
C ALA A 140 -3.76 -5.83 -13.95
N GLY A 141 -4.65 -6.76 -13.69
CA GLY A 141 -4.25 -8.14 -13.48
C GLY A 141 -3.94 -8.40 -12.02
N ASP A 142 -4.14 -9.65 -11.60
CA ASP A 142 -3.95 -9.99 -10.20
C ASP A 142 -2.52 -10.43 -9.89
N SER A 143 -1.68 -9.46 -9.54
CA SER A 143 -0.30 -9.74 -9.20
C SER A 143 -0.08 -9.82 -7.70
N LEU A 144 -1.10 -9.55 -6.89
CA LEU A 144 -0.88 -9.54 -5.45
C LEU A 144 -1.25 -10.86 -4.80
N SER A 145 -2.14 -11.69 -5.42
CA SER A 145 -2.50 -12.95 -4.78
C SER A 145 -1.31 -13.86 -4.58
N TYR A 146 -0.28 -13.73 -5.42
CA TYR A 146 0.93 -14.49 -5.22
C TYR A 146 1.46 -14.29 -3.81
N HIS A 147 1.27 -13.09 -3.24
CA HIS A 147 1.79 -12.74 -1.92
C HIS A 147 0.86 -13.09 -0.74
N GLN A 148 -0.23 -13.82 -0.99
CA GLN A 148 -1.22 -14.14 0.03
C GLN A 148 -0.55 -14.77 1.24
N GLY A 149 -0.84 -14.24 2.42
CA GLY A 149 -0.40 -14.88 3.62
C GLY A 149 1.06 -14.67 3.98
N ARG A 150 1.82 -13.90 3.21
CA ARG A 150 3.26 -13.84 3.47
C ARG A 150 3.61 -12.75 4.49
N PRO A 151 4.63 -12.99 5.31
CA PRO A 151 5.11 -11.92 6.21
C PRO A 151 5.78 -10.80 5.44
N PHE A 152 5.86 -9.63 6.07
CA PHE A 152 6.66 -8.56 5.48
C PHE A 152 8.14 -8.85 5.66
N SER A 153 8.95 -8.37 4.71
CA SER A 153 10.41 -8.42 4.82
C SER A 153 11.04 -7.11 4.37
N THR A 154 12.12 -6.73 5.06
CA THR A 154 12.96 -5.62 4.65
C THR A 154 14.39 -6.10 4.46
N GLU A 155 15.25 -5.23 3.93
CA GLU A 155 16.60 -5.67 3.63
C GLU A 155 17.34 -6.15 4.89
N ASP A 156 17.00 -5.58 6.08
CA ASP A 156 17.62 -5.97 7.32
C ASP A 156 16.83 -7.03 8.08
N ARG A 157 15.71 -7.48 7.54
CA ARG A 157 14.91 -8.48 8.27
C ARG A 157 14.26 -9.41 7.22
N ASP A 158 14.95 -10.50 6.92
CA ASP A 158 14.59 -11.43 5.83
C ASP A 158 13.63 -12.48 6.38
N ASN A 159 12.36 -12.37 6.01
CA ASN A 159 11.34 -13.33 6.40
C ASN A 159 10.79 -14.08 5.19
N ASP A 160 11.46 -14.04 4.05
CA ASP A 160 10.95 -14.62 2.84
C ASP A 160 11.32 -16.10 2.77
N VAL A 161 10.95 -16.79 1.69
CA VAL A 161 11.25 -18.22 1.58
C VAL A 161 12.16 -18.45 0.38
N ALA A 162 12.92 -17.43 0.03
CA ALA A 162 14.00 -17.58 -0.93
C ALA A 162 15.31 -17.83 -0.21
N VAL A 163 16.24 -18.48 -0.90
CA VAL A 163 17.55 -18.67 -0.27
C VAL A 163 18.28 -17.33 -0.22
N THR A 164 17.96 -16.44 -1.14
CA THR A 164 18.49 -15.09 -1.16
C THR A 164 17.66 -14.18 -0.24
N ASN A 165 18.11 -12.92 -0.13
CA ASN A 165 17.37 -11.87 0.55
C ASN A 165 16.60 -11.08 -0.51
N CYS A 166 15.31 -11.36 -0.63
CA CYS A 166 14.50 -10.75 -1.69
C CYS A 166 14.55 -9.22 -1.64
N ALA A 167 14.37 -8.66 -0.45
CA ALA A 167 14.31 -7.21 -0.33
C ALA A 167 15.63 -6.57 -0.79
N MET A 168 16.77 -7.21 -0.47
CA MET A 168 18.05 -6.69 -0.94
CA MET A 168 18.03 -6.67 -0.95
C MET A 168 18.17 -6.86 -2.45
N SER A 169 17.87 -8.06 -2.94
CA SER A 169 18.03 -8.36 -4.37
C SER A 169 17.17 -7.49 -5.27
N TYR A 170 15.98 -7.15 -4.80
CA TYR A 170 14.98 -6.46 -5.60
C TYR A 170 14.70 -5.08 -5.05
N LYS A 171 15.63 -4.55 -4.26
CA LYS A 171 15.70 -3.12 -3.94
C LYS A 171 14.41 -2.57 -3.33
N GLY A 172 13.86 -3.30 -2.35
CA GLY A 172 12.55 -2.98 -1.89
C GLY A 172 12.26 -3.44 -0.48
N ALA A 173 10.98 -3.56 -0.21
CA ALA A 173 10.42 -3.97 1.06
C ALA A 173 9.01 -4.43 0.78
N TRP A 174 8.68 -5.66 1.16
CA TRP A 174 7.43 -6.25 0.68
C TRP A 174 7.14 -7.57 1.38
N TRP A 175 5.93 -8.09 1.13
CA TRP A 175 5.53 -9.42 1.57
C TRP A 175 6.08 -10.46 0.59
N TYR A 176 7.41 -10.54 0.54
CA TYR A 176 8.07 -11.38 -0.44
C TYR A 176 7.87 -12.86 -0.17
N LYS A 177 7.83 -13.63 -1.26
CA LYS A 177 7.82 -15.10 -1.18
C LYS A 177 9.12 -15.57 -1.83
N ASN A 178 9.15 -15.76 -3.16
CA ASN A 178 10.38 -16.21 -3.81
C ASN A 178 10.44 -15.79 -5.28
N CYS A 179 10.37 -14.49 -5.61
CA CYS A 179 10.33 -13.39 -4.65
C CYS A 179 9.07 -12.56 -4.77
N HIS A 180 8.66 -12.17 -5.99
CA HIS A 180 7.48 -11.34 -6.12
C HIS A 180 6.87 -11.33 -7.52
N ARG A 181 5.58 -10.94 -7.55
CA ARG A 181 4.94 -10.46 -8.76
CA ARG A 181 4.95 -10.46 -8.77
C ARG A 181 4.66 -8.97 -8.73
N THR A 182 4.67 -8.35 -7.56
CA THR A 182 4.65 -6.90 -7.49
CA THR A 182 4.51 -6.92 -7.35
C THR A 182 5.63 -6.45 -6.42
N ASN A 183 6.16 -5.22 -6.63
CA ASN A 183 7.28 -4.75 -5.85
C ASN A 183 7.13 -3.24 -5.70
N LEU A 184 6.02 -2.79 -5.08
CA LEU A 184 5.67 -1.36 -5.24
C LEU A 184 6.51 -0.45 -4.36
N ASN A 185 7.29 -0.99 -3.43
CA ASN A 185 8.27 -0.23 -2.66
C ASN A 185 9.68 -0.35 -3.24
N GLY A 186 9.78 -0.82 -4.47
CA GLY A 186 11.05 -0.99 -5.15
C GLY A 186 11.68 0.30 -5.65
N LYS A 187 12.77 0.13 -6.40
CA LYS A 187 13.58 1.26 -6.83
C LYS A 187 12.89 2.06 -7.94
N TYR A 188 12.65 3.36 -7.69
CA TYR A 188 11.98 4.17 -8.69
C TYR A 188 12.81 4.27 -10.00
N GLY A 189 12.12 4.07 -11.13
CA GLY A 189 12.74 4.19 -12.43
C GLY A 189 13.62 3.03 -12.85
N GLU A 190 13.72 1.98 -12.05
CA GLU A 190 14.67 0.89 -12.28
C GLU A 190 14.06 -0.16 -13.19
N SER A 191 14.65 -0.32 -14.39
CA SER A 191 14.18 -1.27 -15.38
CA SER A 191 14.16 -1.26 -15.37
C SER A 191 14.81 -2.64 -15.25
N ARG A 192 15.91 -2.78 -14.49
CA ARG A 192 16.53 -4.10 -14.35
C ARG A 192 15.51 -5.07 -13.74
N HIS A 193 15.50 -6.28 -14.28
CA HIS A 193 14.43 -7.24 -13.99
C HIS A 193 14.15 -7.36 -12.49
N SER A 194 12.91 -7.08 -12.13
CA SER A 194 12.35 -7.29 -10.81
C SER A 194 12.84 -6.33 -9.73
N GLN A 195 13.67 -5.34 -10.09
CA GLN A 195 14.22 -4.41 -9.11
C GLN A 195 13.41 -3.12 -8.97
N GLY A 196 12.52 -2.84 -9.92
CA GLY A 196 11.78 -1.59 -9.94
C GLY A 196 10.37 -1.76 -9.41
N ILE A 197 9.55 -0.75 -9.71
CA ILE A 197 8.18 -0.65 -9.16
C ILE A 197 7.30 -1.45 -10.12
N ASN A 198 7.30 -2.76 -9.91
CA ASN A 198 6.67 -3.68 -10.86
C ASN A 198 5.23 -4.02 -10.42
N TRP A 199 4.35 -4.19 -11.40
CA TRP A 199 3.10 -4.91 -11.23
C TRP A 199 3.06 -5.85 -12.43
N TYR A 200 3.47 -7.09 -12.18
CA TYR A 200 3.83 -8.00 -13.27
C TYR A 200 2.74 -8.12 -14.32
N HIS A 201 1.50 -8.31 -13.89
CA HIS A 201 0.46 -8.62 -14.86
C HIS A 201 0.04 -7.42 -15.69
N TRP A 202 0.49 -6.21 -15.33
CA TRP A 202 0.22 -5.02 -16.12
C TRP A 202 1.39 -4.69 -17.06
N LYS A 203 2.60 -4.58 -16.51
CA LYS A 203 3.75 -4.11 -17.29
C LYS A 203 5.00 -4.97 -17.15
N GLY A 204 4.91 -6.14 -16.54
CA GLY A 204 6.04 -7.07 -16.49
C GLY A 204 7.03 -6.71 -15.41
N HIS A 205 8.20 -7.34 -15.52
CA HIS A 205 9.25 -7.14 -14.52
C HIS A 205 10.39 -6.24 -15.01
N GLU A 206 10.31 -5.73 -16.25
CA GLU A 206 11.37 -4.85 -16.76
C GLU A 206 10.82 -3.46 -17.04
N PHE A 207 9.74 -3.10 -16.35
CA PHE A 207 9.19 -1.75 -16.42
C PHE A 207 8.83 -1.29 -15.04
N SER A 208 9.37 -0.15 -14.65
CA SER A 208 9.11 0.48 -13.37
C SER A 208 7.99 1.49 -13.53
N ILE A 209 6.89 1.26 -12.81
CA ILE A 209 5.70 2.10 -13.00
C ILE A 209 5.96 3.47 -12.36
N PRO A 210 5.69 4.56 -13.07
CA PRO A 210 6.05 5.89 -12.53
C PRO A 210 5.09 6.46 -11.49
N PHE A 211 3.87 5.95 -11.38
CA PHE A 211 2.91 6.46 -10.42
C PHE A 211 2.10 5.28 -9.91
N VAL A 212 2.12 5.08 -8.59
CA VAL A 212 1.28 4.07 -7.95
C VAL A 212 0.75 4.65 -6.66
N GLU A 213 -0.45 4.23 -6.28
CA GLU A 213 -1.08 4.56 -4.99
C GLU A 213 -1.71 3.29 -4.45
N MET A 214 -1.48 2.98 -3.17
CA MET A 214 -2.16 1.85 -2.51
C MET A 214 -3.13 2.50 -1.51
N LYS A 215 -4.37 2.03 -1.51
CA LYS A 215 -5.40 2.71 -0.70
C LYS A 215 -6.46 1.71 -0.24
N MET A 216 -7.24 2.12 0.80
CA MET A 216 -8.18 1.19 1.48
C MET A 216 -9.38 1.95 1.97
N ARG A 217 -10.51 1.27 1.90
CA ARG A 217 -11.84 1.79 2.22
C ARG A 217 -12.67 0.66 2.82
N PRO A 218 -13.57 0.94 3.75
CA PRO A 218 -14.39 -0.13 4.32
C PRO A 218 -15.14 -0.90 3.24
N TYR A 219 -15.20 -2.22 3.41
CA TYR A 219 -15.85 -3.09 2.43
C TYR A 219 -17.30 -2.70 2.15
N ASN A 220 -17.66 -2.71 0.86
CA ASN A 220 -19.01 -2.46 0.37
C ASN A 220 -19.49 -1.04 0.65
N HIS A 221 -18.55 -0.11 0.79
CA HIS A 221 -18.87 1.29 1.05
C HIS A 221 -19.82 1.84 -0.02
#